data_4IVB
#
_entry.id   4IVB
#
_cell.length_a   42.918
_cell.length_b   173.479
_cell.length_c   44.540
_cell.angle_alpha   90.00
_cell.angle_beta   94.29
_cell.angle_gamma   90.00
#
_symmetry.space_group_name_H-M   'P 1 21 1'
#
loop_
_entity.id
_entity.type
_entity.pdbx_description
1 polymer 'Tyrosine-protein kinase JAK1'
2 non-polymer trans-4-{2-[(1R)-1-hydroxyethyl]imidazo[4,5-d]pyrrolo[2,3-b]pyridin-1(6H)-yl}cyclohexanecarbonitrile
3 water water
#
_entity_poly.entity_id   1
_entity_poly.type   'polypeptide(L)'
_entity_poly.pdbx_seq_one_letter_code
;GDIVSEKKPATEVDPTHFEKRFLKRIRDLGEGHFGKVELCRYDPEGDNTGEQVAVKSLKPESGGNHIADLKKEIEILRNL
YHENIVKYKGICTEDGGNGIKLIMEFLPSGSLKEYLPKNKNKINLKQQLKYAVQICKGMDYLGSRQYVHRDLAARNVLVE
SEHQVKIGDFGLTKAIETDKE(PTR)(PTR)TVKDDRDSPVFWYAPECLMQSKFYIASDVWSFGVTLHELLTYCDSDSSP
MALFLKMIGPTHGQMTVTRLVNTLKEGKRLPCPPNCPDEVYQLMRKCWEFQPSNRTSFQNLIEGFEALLK
;
_entity_poly.pdbx_strand_id   A,B
#
# COMPACT_ATOMS: atom_id res chain seq x y z
N GLY A 1 17.95 0.91 -70.71
CA GLY A 1 18.38 -0.51 -70.79
C GLY A 1 17.57 -1.41 -69.87
N ASP A 2 18.26 -2.30 -69.15
CA ASP A 2 17.60 -3.26 -68.26
C ASP A 2 17.12 -2.61 -66.96
N ILE A 3 16.22 -3.29 -66.26
CA ILE A 3 15.79 -2.85 -64.93
C ILE A 3 17.02 -2.81 -64.05
N VAL A 4 17.41 -1.60 -63.64
CA VAL A 4 18.51 -1.45 -62.70
C VAL A 4 18.00 -1.84 -61.31
N SER A 5 18.68 -2.82 -60.70
CA SER A 5 18.39 -3.25 -59.34
C SER A 5 19.62 -2.99 -58.48
N GLU A 6 19.55 -3.33 -57.20
CA GLU A 6 20.70 -3.19 -56.32
C GLU A 6 21.51 -4.49 -56.26
N LYS A 7 22.83 -4.35 -56.32
CA LYS A 7 23.76 -5.45 -56.08
C LYS A 7 23.59 -5.85 -54.63
N LYS A 8 23.37 -7.14 -54.38
CA LYS A 8 23.17 -7.63 -53.02
C LYS A 8 24.51 -7.87 -52.33
N PRO A 9 24.76 -7.20 -51.19
CA PRO A 9 25.95 -7.54 -50.40
C PRO A 9 25.80 -8.92 -49.76
N ALA A 10 26.92 -9.64 -49.59
CA ALA A 10 26.90 -11.01 -49.06
C ALA A 10 26.35 -11.07 -47.62
N THR A 11 25.32 -11.90 -47.41
CA THR A 11 24.65 -12.03 -46.11
C THR A 11 25.48 -12.84 -45.12
N GLU A 12 25.68 -12.30 -43.92
CA GLU A 12 26.25 -13.06 -42.82
C GLU A 12 25.12 -13.55 -41.93
N VAL A 13 25.40 -14.59 -41.16
CA VAL A 13 24.45 -15.09 -40.16
C VAL A 13 24.88 -14.60 -38.78
N ASP A 14 23.95 -13.98 -38.06
CA ASP A 14 24.17 -13.52 -36.70
C ASP A 14 23.57 -14.55 -35.77
N PRO A 15 24.40 -15.26 -34.98
CA PRO A 15 23.87 -16.31 -34.11
C PRO A 15 23.02 -15.79 -32.96
N THR A 16 23.00 -14.48 -32.77
CA THR A 16 22.19 -13.87 -31.72
C THR A 16 20.90 -13.30 -32.27
N HIS A 17 20.64 -13.52 -33.55
CA HIS A 17 19.42 -13.08 -34.16
C HIS A 17 18.52 -14.25 -34.38
N PHE A 18 17.39 -14.23 -33.70
CA PHE A 18 16.41 -15.30 -33.79
C PHE A 18 15.22 -14.76 -34.61
N GLU A 19 14.93 -15.44 -35.70
CA GLU A 19 13.82 -15.06 -36.57
C GLU A 19 12.49 -15.48 -35.96
N LYS A 20 11.55 -14.54 -35.87
CA LYS A 20 10.25 -14.81 -35.28
C LYS A 20 9.61 -16.05 -35.88
N ARG A 21 9.77 -16.27 -37.19
CA ARG A 21 9.05 -17.35 -37.88
C ARG A 21 9.46 -18.77 -37.45
N PHE A 22 10.65 -18.91 -36.85
CA PHE A 22 11.11 -20.21 -36.33
C PHE A 22 11.00 -20.37 -34.81
N LEU A 23 10.57 -19.32 -34.12
CA LEU A 23 10.44 -19.35 -32.65
C LEU A 23 9.03 -19.84 -32.26
N LYS A 24 8.94 -21.09 -31.84
CA LYS A 24 7.66 -21.74 -31.57
C LYS A 24 7.36 -21.93 -30.09
N ARG A 25 6.26 -21.33 -29.63
CA ARG A 25 5.89 -21.31 -28.22
C ARG A 25 5.48 -22.69 -27.73
N ILE A 26 6.07 -23.14 -26.63
CA ILE A 26 5.65 -24.39 -25.96
C ILE A 26 4.76 -24.12 -24.75
N ARG A 27 5.21 -23.28 -23.82
CA ARG A 27 4.41 -22.96 -22.62
C ARG A 27 4.95 -21.78 -21.83
N ASP A 28 4.15 -21.27 -20.92
CA ASP A 28 4.57 -20.18 -20.04
C ASP A 28 5.53 -20.71 -18.95
N LEU A 29 6.57 -19.93 -18.66
CA LEU A 29 7.48 -20.23 -17.54
C LEU A 29 7.18 -19.36 -16.32
N GLY A 30 6.78 -18.11 -16.55
CA GLY A 30 6.57 -17.17 -15.46
C GLY A 30 6.19 -15.80 -15.98
N GLU A 31 5.78 -14.97 -15.03
N GLU A 31 5.59 -14.98 -15.13
CA GLU A 31 5.37 -13.60 -15.27
CA GLU A 31 4.83 -13.82 -15.61
C GLU A 31 6.28 -12.69 -14.44
C GLU A 31 4.69 -12.70 -14.59
N GLY A 32 6.85 -11.69 -15.08
N GLY A 32 4.59 -11.47 -15.11
CA GLY A 32 7.50 -10.61 -14.36
CA GLY A 32 4.40 -10.29 -14.28
C GLY A 32 6.47 -9.51 -14.15
C GLY A 32 3.24 -9.46 -14.77
N HIS A 33 6.94 -8.29 -13.90
N HIS A 33 3.27 -8.16 -14.47
CA HIS A 33 6.03 -7.18 -13.76
CA HIS A 33 2.25 -7.24 -14.93
C HIS A 33 5.82 -6.54 -15.10
C HIS A 33 2.69 -6.59 -16.22
N PHE A 34 6.91 -6.35 -15.82
N PHE A 34 3.99 -6.62 -16.49
CA PHE A 34 6.86 -5.70 -17.12
CA PHE A 34 4.55 -5.97 -17.70
C PHE A 34 6.55 -6.65 -18.30
C PHE A 34 5.49 -6.81 -18.57
N GLY A 35 6.09 -7.89 -18.04
CA GLY A 35 6.42 -8.93 -18.99
C GLY A 35 6.40 -10.36 -18.51
N LYS A 36 6.63 -11.26 -19.45
CA LYS A 36 6.51 -12.67 -19.22
C LYS A 36 7.51 -13.49 -20.00
N VAL A 37 7.75 -14.69 -19.50
CA VAL A 37 8.73 -15.55 -20.08
C VAL A 37 8.05 -16.84 -20.52
N GLU A 38 8.39 -17.28 -21.72
CA GLU A 38 7.82 -18.49 -22.31
C GLU A 38 8.91 -19.45 -22.74
N LEU A 39 8.63 -20.75 -22.60
CA LEU A 39 9.47 -21.77 -23.20
C LEU A 39 9.11 -21.88 -24.67
N CYS A 40 10.11 -21.71 -25.53
CA CYS A 40 9.96 -21.93 -26.96
C CYS A 40 11.00 -22.91 -27.46
N ARG A 41 10.78 -23.41 -28.67
CA ARG A 41 11.80 -24.09 -29.42
C ARG A 41 12.13 -23.23 -30.62
N TYR A 42 13.41 -22.96 -30.84
CA TYR A 42 13.83 -22.30 -32.05
C TYR A 42 14.09 -23.36 -33.12
N ASP A 43 13.21 -23.46 -34.10
CA ASP A 43 13.18 -24.66 -34.92
C ASP A 43 13.24 -24.36 -36.41
N PRO A 44 14.36 -23.78 -36.88
CA PRO A 44 14.49 -23.41 -38.29
C PRO A 44 14.43 -24.59 -39.25
N GLU A 45 14.81 -25.78 -38.80
CA GLU A 45 14.70 -26.96 -39.64
C GLU A 45 13.30 -27.54 -39.67
N GLY A 46 12.45 -27.12 -38.72
CA GLY A 46 11.03 -27.45 -38.73
C GLY A 46 10.69 -28.90 -38.38
N ASP A 47 11.54 -29.57 -37.61
CA ASP A 47 11.34 -30.99 -37.31
C ASP A 47 11.37 -31.30 -35.81
N ASN A 48 11.17 -30.28 -34.99
CA ASN A 48 11.19 -30.40 -33.54
C ASN A 48 12.54 -30.84 -32.97
N THR A 49 13.63 -30.46 -33.65
CA THR A 49 14.98 -30.78 -33.16
C THR A 49 15.73 -29.54 -32.66
N GLY A 50 15.17 -28.35 -32.89
CA GLY A 50 15.82 -27.11 -32.48
C GLY A 50 16.01 -26.99 -30.98
N GLU A 51 16.88 -26.08 -30.58
CA GLU A 51 17.15 -25.85 -29.16
C GLU A 51 15.96 -25.20 -28.44
N GLN A 52 15.73 -25.62 -27.21
CA GLN A 52 14.76 -24.96 -26.35
C GLN A 52 15.39 -23.72 -25.76
N VAL A 53 14.63 -22.64 -25.71
CA VAL A 53 15.09 -21.36 -25.20
C VAL A 53 13.97 -20.69 -24.38
N ALA A 54 14.38 -19.84 -23.44
CA ALA A 54 13.47 -19.00 -22.67
C ALA A 54 13.35 -17.64 -23.35
N VAL A 55 12.11 -17.21 -23.57
CA VAL A 55 11.82 -16.00 -24.32
C VAL A 55 11.05 -15.01 -23.47
N LYS A 56 11.68 -13.87 -23.18
CA LYS A 56 11.02 -12.80 -22.44
C LYS A 56 10.43 -11.75 -23.39
N SER A 57 9.17 -11.42 -23.17
CA SER A 57 8.50 -10.44 -24.00
C SER A 57 7.60 -9.58 -23.13
N LEU A 58 7.16 -8.46 -23.70
CA LEU A 58 6.28 -7.55 -22.99
C LEU A 58 4.85 -8.05 -23.04
N LYS A 59 4.09 -7.77 -22.00
CA LYS A 59 2.66 -8.01 -22.00
C LYS A 59 1.96 -6.86 -22.72
N PRO A 60 1.13 -7.15 -23.74
CA PRO A 60 0.39 -6.11 -24.46
C PRO A 60 -0.83 -5.62 -23.69
N HIS A 66 6.80 0.23 -21.91
CA HIS A 66 7.98 -0.37 -21.24
C HIS A 66 8.99 -1.03 -22.15
N ILE A 67 8.85 -0.85 -23.47
CA ILE A 67 9.82 -1.37 -24.42
C ILE A 67 11.20 -0.86 -24.06
N ALA A 68 11.29 0.41 -23.69
CA ALA A 68 12.57 1.00 -23.26
C ALA A 68 13.19 0.20 -22.12
N ASP A 69 12.39 -0.17 -21.13
CA ASP A 69 12.89 -0.95 -19.99
C ASP A 69 13.39 -2.35 -20.38
N LEU A 70 12.68 -3.01 -21.28
CA LEU A 70 13.13 -4.32 -21.75
C LEU A 70 14.42 -4.22 -22.57
N LYS A 71 14.54 -3.18 -23.40
CA LYS A 71 15.78 -2.94 -24.14
C LYS A 71 16.95 -2.71 -23.18
N LYS A 72 16.71 -1.98 -22.09
CA LYS A 72 17.75 -1.75 -21.09
C LYS A 72 18.13 -3.06 -20.41
N GLU A 73 17.13 -3.88 -20.07
CA GLU A 73 17.37 -5.19 -19.48
C GLU A 73 18.23 -6.07 -20.41
N ILE A 74 17.91 -6.04 -21.70
CA ILE A 74 18.66 -6.81 -22.69
C ILE A 74 20.11 -6.37 -22.78
N GLU A 75 20.36 -5.07 -22.76
CA GLU A 75 21.74 -4.54 -22.79
C GLU A 75 22.54 -4.87 -21.53
N ILE A 76 21.85 -4.89 -20.39
CA ILE A 76 22.49 -5.30 -19.15
C ILE A 76 22.92 -6.77 -19.28
N LEU A 77 21.96 -7.65 -19.57
CA LEU A 77 22.21 -9.09 -19.57
C LEU A 77 23.21 -9.52 -20.65
N ARG A 78 23.15 -8.89 -21.82
CA ARG A 78 24.03 -9.19 -22.94
C ARG A 78 25.50 -9.06 -22.57
N ASN A 79 25.79 -8.21 -21.59
CA ASN A 79 27.16 -7.87 -21.23
C ASN A 79 27.54 -8.37 -19.84
N LEU A 80 26.71 -9.23 -19.25
CA LEU A 80 27.08 -9.92 -18.00
C LEU A 80 27.60 -11.30 -18.37
N TYR A 81 28.79 -11.63 -17.86
CA TYR A 81 29.42 -12.95 -18.10
C TYR A 81 29.88 -13.53 -16.79
N HIS A 82 29.16 -14.54 -16.30
CA HIS A 82 29.47 -15.14 -15.00
C HIS A 82 28.75 -16.45 -14.93
N GLU A 83 29.38 -17.47 -14.35
CA GLU A 83 28.79 -18.81 -14.32
C GLU A 83 27.50 -18.89 -13.49
N ASN A 84 27.30 -17.95 -12.57
CA ASN A 84 26.07 -17.89 -11.80
C ASN A 84 25.09 -16.80 -12.26
N ILE A 85 25.17 -16.42 -13.54
CA ILE A 85 24.18 -15.54 -14.15
C ILE A 85 23.68 -16.21 -15.45
N VAL A 86 22.36 -16.28 -15.61
CA VAL A 86 21.75 -16.94 -16.77
C VAL A 86 22.29 -16.35 -18.10
N LYS A 87 22.51 -17.22 -19.07
CA LYS A 87 23.14 -16.81 -20.31
C LYS A 87 22.16 -16.18 -21.29
N TYR A 88 22.51 -14.98 -21.73
CA TYR A 88 21.93 -14.34 -22.89
C TYR A 88 22.20 -15.12 -24.16
N LYS A 89 21.19 -15.28 -25.01
CA LYS A 89 21.35 -15.98 -26.28
C LYS A 89 21.14 -15.05 -27.47
N GLY A 90 20.22 -14.11 -27.33
CA GLY A 90 19.95 -13.17 -28.41
C GLY A 90 18.66 -12.41 -28.27
N ILE A 91 18.20 -11.88 -29.41
CA ILE A 91 16.96 -11.13 -29.46
C ILE A 91 16.14 -11.58 -30.67
N CYS A 92 14.86 -11.27 -30.61
CA CYS A 92 13.96 -11.44 -31.74
C CYS A 92 13.30 -10.09 -31.94
N THR A 93 13.47 -9.49 -33.12
CA THR A 93 12.95 -8.14 -33.36
C THR A 93 11.94 -8.07 -34.50
N GLU A 94 11.25 -6.94 -34.57
CA GLU A 94 10.27 -6.62 -35.64
C GLU A 94 10.60 -7.23 -37.00
N GLY A 99 9.12 -3.53 -31.62
CA GLY A 99 8.98 -4.66 -30.69
C GLY A 99 10.24 -5.53 -30.60
N ILE A 100 10.47 -6.12 -29.43
CA ILE A 100 11.65 -6.93 -29.23
C ILE A 100 11.37 -8.01 -28.18
N LYS A 101 12.00 -9.18 -28.35
CA LYS A 101 11.99 -10.25 -27.36
C LYS A 101 13.40 -10.62 -26.96
N LEU A 102 13.59 -10.91 -25.67
CA LEU A 102 14.88 -11.35 -25.13
C LEU A 102 14.96 -12.87 -25.11
N ILE A 103 16.01 -13.43 -25.71
CA ILE A 103 16.18 -14.88 -25.77
C ILE A 103 17.29 -15.27 -24.79
N MET A 104 16.96 -16.16 -23.86
CA MET A 104 17.90 -16.67 -22.84
C MET A 104 17.99 -18.19 -22.86
N GLU A 105 19.02 -18.74 -22.24
CA GLU A 105 19.08 -20.17 -22.05
C GLU A 105 17.88 -20.65 -21.21
N PHE A 106 17.43 -21.87 -21.50
CA PHE A 106 16.35 -22.50 -20.75
C PHE A 106 16.93 -23.51 -19.78
N LEU A 107 16.60 -23.36 -18.50
CA LEU A 107 17.01 -24.29 -17.45
C LEU A 107 15.82 -25.17 -16.99
N PRO A 108 15.77 -26.42 -17.48
CA PRO A 108 14.61 -27.28 -17.25
C PRO A 108 14.23 -27.49 -15.78
N SER A 109 15.17 -27.42 -14.85
CA SER A 109 14.83 -27.57 -13.43
C SER A 109 14.09 -26.39 -12.85
N GLY A 110 14.07 -25.27 -13.55
CA GLY A 110 13.31 -24.12 -13.13
C GLY A 110 13.98 -23.41 -11.99
N SER A 111 13.19 -22.65 -11.24
CA SER A 111 13.73 -21.88 -10.12
C SER A 111 13.79 -22.74 -8.86
N LEU A 112 14.48 -22.21 -7.85
CA LEU A 112 14.49 -22.82 -6.51
C LEU A 112 13.07 -23.07 -5.98
N LYS A 113 12.10 -22.26 -6.39
CA LYS A 113 10.71 -22.44 -5.95
C LYS A 113 10.12 -23.74 -6.48
N GLU A 114 10.51 -24.14 -7.69
CA GLU A 114 10.03 -25.39 -8.29
C GLU A 114 10.88 -26.58 -7.83
N TYR A 115 12.18 -26.36 -7.75
CA TYR A 115 13.15 -27.44 -7.59
C TYR A 115 13.29 -27.91 -6.15
N LEU A 116 13.40 -26.98 -5.22
CA LEU A 116 13.64 -27.36 -3.82
C LEU A 116 12.54 -28.26 -3.20
N PRO A 117 11.25 -27.92 -3.38
CA PRO A 117 10.23 -28.76 -2.76
C PRO A 117 10.24 -30.20 -3.26
N LYS A 118 10.76 -30.42 -4.46
CA LYS A 118 10.75 -31.71 -5.12
C LYS A 118 12.05 -32.50 -4.88
N ASN A 119 13.04 -31.86 -4.27
CA ASN A 119 14.36 -32.47 -4.15
C ASN A 119 14.94 -32.35 -2.75
N LYS A 120 14.09 -32.13 -1.76
CA LYS A 120 14.53 -32.04 -0.36
C LYS A 120 15.51 -33.14 0.00
N ASN A 121 15.17 -34.37 -0.38
CA ASN A 121 15.96 -35.54 -0.01
C ASN A 121 17.39 -35.57 -0.60
N LYS A 122 17.56 -34.90 -1.74
CA LYS A 122 18.86 -34.83 -2.43
C LYS A 122 19.70 -33.66 -1.95
N ILE A 123 19.05 -32.60 -1.46
CA ILE A 123 19.70 -31.33 -1.14
C ILE A 123 19.78 -31.11 0.38
N ASN A 124 20.98 -31.33 0.92
CA ASN A 124 21.23 -31.15 2.34
C ASN A 124 21.86 -29.79 2.66
N LEU A 125 22.15 -29.55 3.93
CA LEU A 125 22.63 -28.25 4.35
C LEU A 125 23.88 -27.85 3.58
N LYS A 126 24.79 -28.78 3.38
CA LYS A 126 26.01 -28.48 2.67
C LYS A 126 25.73 -27.98 1.24
N GLN A 127 24.81 -28.64 0.55
CA GLN A 127 24.45 -28.19 -0.81
C GLN A 127 23.73 -26.82 -0.78
N GLN A 128 22.88 -26.59 0.22
CA GLN A 128 22.25 -25.27 0.40
C GLN A 128 23.29 -24.17 0.58
N LEU A 129 24.32 -24.40 1.38
CA LEU A 129 25.36 -23.39 1.58
C LEU A 129 26.17 -23.13 0.31
N LYS A 130 26.43 -24.17 -0.46
CA LYS A 130 27.07 -24.01 -1.74
C LYS A 130 26.23 -23.16 -2.68
N TYR A 131 24.91 -23.38 -2.72
CA TYR A 131 24.03 -22.50 -3.52
C TYR A 131 24.12 -21.09 -2.99
N ALA A 132 24.10 -20.94 -1.68
CA ALA A 132 24.19 -19.61 -1.08
C ALA A 132 25.47 -18.88 -1.54
N VAL A 133 26.62 -19.56 -1.50
CA VAL A 133 27.88 -18.99 -2.00
C VAL A 133 27.75 -18.55 -3.49
N GLN A 134 27.16 -19.41 -4.30
CA GLN A 134 26.97 -19.12 -5.74
C GLN A 134 26.11 -17.89 -5.99
N ILE A 135 25.01 -17.77 -5.26
CA ILE A 135 24.15 -16.58 -5.35
C ILE A 135 24.91 -15.32 -4.95
N CYS A 136 25.67 -15.39 -3.86
CA CYS A 136 26.53 -14.27 -3.47
C CYS A 136 27.58 -13.89 -4.53
N LYS A 137 28.17 -14.88 -5.18
CA LYS A 137 29.18 -14.63 -6.20
C LYS A 137 28.58 -13.92 -7.42
N GLY A 138 27.39 -14.35 -7.81
CA GLY A 138 26.68 -13.71 -8.91
C GLY A 138 26.33 -12.27 -8.54
N MET A 139 25.82 -12.09 -7.32
CA MET A 139 25.41 -10.78 -6.85
C MET A 139 26.62 -9.86 -6.69
N ASP A 140 27.72 -10.40 -6.21
CA ASP A 140 28.93 -9.61 -6.04
C ASP A 140 29.44 -9.16 -7.40
N TYR A 141 29.36 -10.04 -8.39
CA TYR A 141 29.70 -9.67 -9.75
C TYR A 141 28.83 -8.51 -10.26
N LEU A 142 27.53 -8.59 -9.98
CA LEU A 142 26.57 -7.56 -10.40
C LEU A 142 26.89 -6.22 -9.75
N GLY A 143 27.20 -6.26 -8.46
CA GLY A 143 27.59 -5.06 -7.72
C GLY A 143 28.88 -4.44 -8.19
N SER A 144 29.82 -5.26 -8.63
CA SER A 144 31.07 -4.77 -9.20
C SER A 144 30.85 -4.04 -10.53
N ARG A 145 29.76 -4.36 -11.23
CA ARG A 145 29.40 -3.68 -12.48
C ARG A 145 28.51 -2.47 -12.21
N GLN A 146 28.41 -2.08 -10.94
CA GLN A 146 27.57 -0.95 -10.48
C GLN A 146 26.06 -1.15 -10.70
N TYR A 147 25.57 -2.37 -10.55
CA TYR A 147 24.13 -2.63 -10.64
C TYR A 147 23.52 -2.98 -9.30
N VAL A 148 22.26 -2.58 -9.13
CA VAL A 148 21.40 -3.09 -8.06
C VAL A 148 20.33 -3.93 -8.72
N HIS A 149 20.09 -5.12 -8.15
CA HIS A 149 19.18 -6.07 -8.75
C HIS A 149 17.74 -5.75 -8.43
N ARG A 150 17.45 -5.52 -7.14
CA ARG A 150 16.11 -5.08 -6.67
C ARG A 150 14.99 -6.14 -6.69
N ASP A 151 15.33 -7.37 -7.01
CA ASP A 151 14.32 -8.45 -7.10
C ASP A 151 14.88 -9.82 -6.74
N LEU A 152 15.81 -9.85 -5.78
CA LEU A 152 16.48 -11.10 -5.43
C LEU A 152 15.53 -11.87 -4.54
N ALA A 153 15.07 -13.00 -5.05
CA ALA A 153 14.17 -13.90 -4.34
C ALA A 153 14.38 -15.26 -4.99
N ALA A 154 13.98 -16.32 -4.28
CA ALA A 154 14.20 -17.68 -4.72
C ALA A 154 13.60 -17.93 -6.09
N ARG A 155 12.45 -17.32 -6.37
CA ARG A 155 11.81 -17.46 -7.70
C ARG A 155 12.66 -16.96 -8.88
N ASN A 156 13.63 -16.10 -8.60
CA ASN A 156 14.56 -15.59 -9.61
C ASN A 156 15.90 -16.32 -9.63
N VAL A 157 16.03 -17.37 -8.82
CA VAL A 157 17.25 -18.15 -8.79
C VAL A 157 17.01 -19.48 -9.46
N LEU A 158 17.67 -19.66 -10.60
CA LEU A 158 17.47 -20.82 -11.46
C LEU A 158 18.46 -21.94 -11.12
N VAL A 159 18.01 -23.18 -11.31
CA VAL A 159 18.79 -24.37 -11.03
C VAL A 159 19.32 -24.93 -12.34
N GLU A 160 20.63 -24.81 -12.52
CA GLU A 160 21.32 -25.35 -13.70
C GLU A 160 21.55 -26.86 -13.54
N SER A 161 21.84 -27.27 -12.32
CA SER A 161 22.07 -28.67 -11.99
C SER A 161 22.00 -28.81 -10.48
N GLU A 162 22.00 -30.02 -9.97
CA GLU A 162 22.08 -30.25 -8.53
C GLU A 162 23.24 -29.47 -7.87
N HIS A 163 24.26 -29.12 -8.66
CA HIS A 163 25.47 -28.49 -8.13
C HIS A 163 25.63 -27.04 -8.48
N GLN A 164 24.68 -26.46 -9.23
CA GLN A 164 24.86 -25.07 -9.70
C GLN A 164 23.55 -24.28 -9.87
N VAL A 165 23.55 -23.07 -9.35
CA VAL A 165 22.44 -22.14 -9.58
C VAL A 165 22.90 -20.89 -10.34
N LYS A 166 21.94 -20.16 -10.88
CA LYS A 166 22.18 -18.94 -11.63
C LYS A 166 21.08 -17.93 -11.32
N ILE A 167 21.45 -16.66 -11.23
CA ILE A 167 20.45 -15.61 -11.09
C ILE A 167 19.84 -15.48 -12.46
N GLY A 168 18.50 -15.55 -12.52
CA GLY A 168 17.80 -15.81 -13.76
C GLY A 168 16.81 -14.76 -14.27
N ASP A 169 16.78 -13.59 -13.64
CA ASP A 169 15.96 -12.48 -14.17
C ASP A 169 16.53 -11.17 -13.72
N PHE A 170 16.42 -10.16 -14.58
CA PHE A 170 17.03 -8.85 -14.35
C PHE A 170 16.07 -7.72 -14.68
N GLY A 171 14.77 -8.00 -14.59
CA GLY A 171 13.71 -7.05 -14.98
C GLY A 171 13.67 -5.72 -14.24
N LEU A 172 14.17 -5.70 -13.01
CA LEU A 172 14.19 -4.50 -12.19
C LEU A 172 15.60 -3.95 -11.98
N THR A 173 16.61 -4.55 -12.61
CA THR A 173 17.99 -4.16 -12.36
C THR A 173 18.27 -2.73 -12.88
N LYS A 174 19.00 -1.94 -12.09
CA LYS A 174 19.28 -0.56 -12.40
C LYS A 174 20.75 -0.26 -12.16
N ALA A 175 21.30 0.66 -12.95
CA ALA A 175 22.67 1.12 -12.74
C ALA A 175 22.71 2.15 -11.59
N ILE A 176 23.69 2.03 -10.71
CA ILE A 176 23.97 3.07 -9.73
C ILE A 176 24.96 4.04 -10.37
N GLU A 177 24.61 5.31 -10.37
CA GLU A 177 25.46 6.33 -10.97
C GLU A 177 26.87 6.31 -10.36
N THR A 178 27.88 6.53 -11.19
CA THR A 178 29.27 6.58 -10.71
C THR A 178 29.37 7.58 -9.57
N ASP A 179 30.16 7.22 -8.56
CA ASP A 179 30.39 8.05 -7.37
C ASP A 179 29.16 8.21 -6.46
N LYS A 180 27.99 7.76 -6.93
CA LYS A 180 26.77 7.74 -6.10
C LYS A 180 26.63 6.39 -5.40
N GLU A 181 25.78 6.33 -4.39
CA GLU A 181 25.65 5.14 -3.55
C GLU A 181 24.34 4.39 -3.70
N THR A 184 17.37 5.90 -6.89
CA THR A 184 16.07 6.30 -6.38
C THR A 184 14.92 5.75 -7.24
N VAL A 185 14.05 4.98 -6.60
CA VAL A 185 12.94 4.30 -7.28
C VAL A 185 11.73 5.23 -7.45
N LYS A 186 11.10 5.16 -8.62
CA LYS A 186 9.93 5.97 -8.92
C LYS A 186 8.69 5.08 -8.98
N ASP A 187 8.68 4.12 -9.91
CA ASP A 187 7.61 3.14 -9.97
C ASP A 187 7.88 2.03 -8.96
N ASP A 188 6.99 1.88 -7.99
CA ASP A 188 7.15 0.97 -6.85
C ASP A 188 5.88 0.17 -6.53
N ARG A 189 4.89 0.23 -7.43
CA ARG A 189 3.56 -0.32 -7.20
C ARG A 189 3.61 -1.82 -6.94
N ASP A 190 4.40 -2.53 -7.74
CA ASP A 190 4.49 -3.99 -7.63
C ASP A 190 5.76 -4.46 -6.92
N SER A 191 6.21 -3.71 -5.92
CA SER A 191 7.41 -4.07 -5.17
C SER A 191 7.21 -5.36 -4.36
N PRO A 192 8.23 -6.23 -4.32
CA PRO A 192 8.22 -7.40 -3.44
C PRO A 192 8.58 -6.96 -2.03
N VAL A 193 7.62 -6.32 -1.35
CA VAL A 193 7.90 -5.63 -0.10
C VAL A 193 8.46 -6.54 0.99
N PHE A 194 8.07 -7.82 1.02
CA PHE A 194 8.56 -8.72 2.08
C PHE A 194 10.01 -9.18 1.88
N TRP A 195 10.60 -8.81 0.74
CA TRP A 195 12.03 -8.99 0.47
C TRP A 195 12.82 -7.72 0.61
N TYR A 196 12.18 -6.60 0.98
CA TYR A 196 12.82 -5.29 0.83
C TYR A 196 13.32 -4.72 2.15
N ALA A 197 14.46 -4.06 2.07
CA ALA A 197 15.08 -3.42 3.21
C ALA A 197 14.30 -2.14 3.58
N PRO A 198 14.43 -1.67 4.83
CA PRO A 198 13.70 -0.48 5.30
C PRO A 198 13.88 0.77 4.43
N GLU A 199 15.11 1.08 4.03
CA GLU A 199 15.36 2.26 3.21
C GLU A 199 14.64 2.20 1.86
N CYS A 200 14.43 0.99 1.34
CA CYS A 200 13.66 0.79 0.12
C CYS A 200 12.19 1.03 0.37
N LEU A 201 11.71 0.53 1.50
CA LEU A 201 10.31 0.65 1.86
C LEU A 201 9.97 2.10 2.22
N MET A 202 10.84 2.74 3.00
CA MET A 202 10.54 4.04 3.58
C MET A 202 10.81 5.16 2.57
N GLN A 203 12.01 5.14 1.98
CA GLN A 203 12.50 6.26 1.17
C GLN A 203 12.69 5.95 -0.32
N SER A 204 12.45 4.71 -0.73
CA SER A 204 12.60 4.33 -2.14
C SER A 204 14.05 4.43 -2.66
N LYS A 205 15.02 4.33 -1.75
CA LYS A 205 16.42 4.34 -2.11
C LYS A 205 16.92 2.88 -2.18
N PHE A 206 17.82 2.60 -3.12
CA PHE A 206 18.32 1.24 -3.33
C PHE A 206 19.84 1.16 -3.42
N TYR A 207 20.44 0.57 -2.38
CA TYR A 207 21.89 0.40 -2.28
C TYR A 207 22.24 -1.04 -2.62
N ILE A 208 23.53 -1.30 -2.87
CA ILE A 208 24.03 -2.67 -2.89
C ILE A 208 23.69 -3.39 -1.59
N ALA A 209 23.69 -2.64 -0.48
CA ALA A 209 23.32 -3.19 0.82
C ALA A 209 21.85 -3.61 0.85
N SER A 210 21.02 -2.99 0.03
CA SER A 210 19.60 -3.38 -0.06
C SER A 210 19.46 -4.77 -0.68
N ASP A 211 20.30 -5.09 -1.66
CA ASP A 211 20.40 -6.45 -2.22
C ASP A 211 20.95 -7.45 -1.20
N VAL A 212 21.80 -7.01 -0.29
CA VAL A 212 22.28 -7.91 0.75
C VAL A 212 21.11 -8.31 1.66
N TRP A 213 20.28 -7.33 2.06
CA TRP A 213 19.05 -7.62 2.80
C TRP A 213 18.17 -8.64 2.11
N SER A 214 17.89 -8.41 0.84
CA SER A 214 17.08 -9.36 0.05
C SER A 214 17.69 -10.77 -0.01
N PHE A 215 19.01 -10.81 -0.09
CA PHE A 215 19.71 -12.07 -0.09
C PHE A 215 19.42 -12.84 1.19
N GLY A 216 19.44 -12.15 2.32
CA GLY A 216 19.07 -12.76 3.59
C GLY A 216 17.72 -13.45 3.53
N VAL A 217 16.75 -12.78 2.91
CA VAL A 217 15.39 -13.31 2.81
C VAL A 217 15.40 -14.49 1.85
N THR A 218 16.13 -14.36 0.76
CA THR A 218 16.32 -15.46 -0.19
C THR A 218 16.96 -16.69 0.46
N LEU A 219 17.98 -16.46 1.31
CA LEU A 219 18.59 -17.54 2.08
C LEU A 219 17.59 -18.22 3.01
N HIS A 220 16.73 -17.43 3.62
CA HIS A 220 15.67 -18.00 4.43
C HIS A 220 14.81 -18.92 3.61
N GLU A 221 14.44 -18.50 2.41
CA GLU A 221 13.62 -19.36 1.55
C GLU A 221 14.33 -20.65 1.20
N LEU A 222 15.61 -20.53 0.89
CA LEU A 222 16.42 -21.66 0.51
C LEU A 222 16.45 -22.67 1.65
N LEU A 223 16.56 -22.16 2.86
CA LEU A 223 16.66 -23.00 4.03
C LEU A 223 15.34 -23.65 4.43
N THR A 224 14.22 -23.06 3.98
CA THR A 224 12.89 -23.67 4.16
C THR A 224 12.42 -24.44 2.92
N TYR A 225 13.35 -24.63 1.98
CA TYR A 225 13.05 -25.41 0.77
C TYR A 225 11.88 -24.80 0.01
N CYS A 226 11.74 -23.48 0.11
CA CYS A 226 10.72 -22.74 -0.59
C CYS A 226 9.32 -23.27 -0.32
N ASP A 227 9.04 -23.73 0.89
CA ASP A 227 7.68 -24.18 1.15
C ASP A 227 6.78 -22.95 1.33
N SER A 228 5.62 -23.00 0.69
CA SER A 228 4.74 -21.84 0.66
C SER A 228 4.26 -21.42 2.04
N ASP A 229 4.06 -22.37 2.94
CA ASP A 229 3.58 -22.05 4.30
C ASP A 229 4.68 -21.44 5.17
N SER A 230 5.92 -21.48 4.70
CA SER A 230 7.05 -20.88 5.39
C SER A 230 7.64 -19.68 4.62
N SER A 231 6.97 -19.26 3.55
CA SER A 231 7.48 -18.17 2.75
C SER A 231 7.51 -16.85 3.54
N PRO A 232 8.45 -15.96 3.18
CA PRO A 232 8.58 -14.66 3.82
C PRO A 232 7.26 -13.89 3.93
N MET A 233 6.42 -13.98 2.90
CA MET A 233 5.10 -13.34 2.95
C MET A 233 4.20 -13.97 4.01
N ALA A 234 4.01 -15.27 3.93
CA ALA A 234 3.25 -16.03 4.93
C ALA A 234 3.70 -15.67 6.35
N LEU A 235 5.01 -15.73 6.59
CA LEU A 235 5.53 -15.52 7.94
C LEU A 235 5.37 -14.09 8.42
N PHE A 236 5.63 -13.13 7.55
CA PHE A 236 5.47 -11.72 7.91
C PHE A 236 4.00 -11.36 8.19
N LEU A 237 3.09 -11.83 7.34
CA LEU A 237 1.65 -11.57 7.54
C LEU A 237 1.14 -12.20 8.83
N LYS A 238 1.79 -13.27 9.28
CA LYS A 238 1.52 -13.89 10.58
C LYS A 238 1.99 -12.98 11.70
N MET A 239 3.14 -12.35 11.49
CA MET A 239 3.71 -11.40 12.46
C MET A 239 2.91 -10.10 12.62
N ILE A 240 2.49 -9.51 11.50
CA ILE A 240 1.89 -8.17 11.51
C ILE A 240 0.36 -8.17 11.41
N GLY A 241 -0.21 -9.29 10.97
CA GLY A 241 -1.63 -9.41 10.64
C GLY A 241 -1.84 -9.42 9.13
N PRO A 242 -2.70 -10.32 8.64
CA PRO A 242 -2.99 -10.45 7.19
C PRO A 242 -4.13 -9.58 6.66
N THR A 243 -4.74 -8.75 7.49
CA THR A 243 -5.94 -8.01 7.09
C THR A 243 -5.77 -6.49 7.20
N HIS A 244 -4.58 -5.96 6.89
CA HIS A 244 -4.33 -4.52 7.02
C HIS A 244 -4.41 -3.75 5.72
N GLY A 245 -4.66 -4.45 4.61
CA GLY A 245 -4.81 -3.82 3.30
C GLY A 245 -3.67 -2.84 2.98
N GLN A 246 -4.04 -1.59 2.75
CA GLN A 246 -3.09 -0.53 2.39
C GLN A 246 -2.18 -0.04 3.53
N MET A 247 -2.45 -0.49 4.76
CA MET A 247 -1.57 -0.21 5.91
C MET A 247 -0.48 -1.29 6.10
N THR A 248 -0.53 -2.33 5.28
CA THR A 248 0.40 -3.46 5.42
C THR A 248 1.86 -3.02 5.47
N VAL A 249 2.29 -2.24 4.49
CA VAL A 249 3.69 -1.85 4.38
C VAL A 249 4.16 -1.05 5.59
N THR A 250 3.30 -0.14 6.07
CA THR A 250 3.67 0.67 7.23
C THR A 250 3.80 -0.19 8.48
N ARG A 251 2.87 -1.14 8.64
CA ARG A 251 2.95 -2.14 9.71
C ARG A 251 4.21 -2.99 9.58
N LEU A 252 4.56 -3.36 8.36
CA LEU A 252 5.83 -4.06 8.11
C LEU A 252 7.03 -3.19 8.55
N VAL A 253 7.06 -1.93 8.11
CA VAL A 253 8.14 -1.01 8.48
C VAL A 253 8.27 -0.88 10.00
N ASN A 254 7.14 -0.75 10.69
CA ASN A 254 7.15 -0.63 12.14
C ASN A 254 7.65 -1.89 12.84
N THR A 255 7.25 -3.06 12.34
CA THR A 255 7.75 -4.33 12.88
C THR A 255 9.27 -4.40 12.75
N LEU A 256 9.78 -3.98 11.61
CA LEU A 256 11.24 -4.00 11.36
C LEU A 256 11.98 -2.99 12.21
N LYS A 257 11.35 -1.84 12.46
CA LYS A 257 11.92 -0.81 13.35
C LYS A 257 12.10 -1.31 14.78
N GLU A 258 11.16 -2.12 15.25
CA GLU A 258 11.22 -2.71 16.60
C GLU A 258 12.28 -3.79 16.75
N GLY A 259 12.85 -4.24 15.63
CA GLY A 259 13.92 -5.23 15.64
C GLY A 259 13.47 -6.63 15.28
N LYS A 260 12.17 -6.79 15.00
CA LYS A 260 11.62 -8.09 14.66
C LYS A 260 12.05 -8.55 13.27
N ARG A 261 12.40 -9.82 13.18
CA ARG A 261 12.88 -10.42 11.95
C ARG A 261 12.28 -11.79 11.76
N LEU A 262 12.42 -12.33 10.55
CA LEU A 262 12.02 -13.70 10.28
C LEU A 262 12.74 -14.64 11.25
N PRO A 263 12.03 -15.66 11.76
CA PRO A 263 12.61 -16.59 12.71
C PRO A 263 13.57 -17.58 12.05
N CYS A 264 14.38 -18.23 12.87
CA CYS A 264 15.31 -19.24 12.40
C CYS A 264 14.55 -20.39 11.75
N PRO A 265 14.95 -20.81 10.54
CA PRO A 265 14.25 -21.94 9.93
C PRO A 265 14.49 -23.22 10.73
N PRO A 266 13.55 -24.18 10.65
CA PRO A 266 13.78 -25.46 11.30
C PRO A 266 15.03 -26.13 10.77
N ASN A 267 15.82 -26.71 11.67
CA ASN A 267 17.03 -27.43 11.32
C ASN A 267 18.16 -26.54 10.80
N CYS A 268 18.02 -25.23 10.94
CA CYS A 268 19.07 -24.31 10.51
C CYS A 268 19.95 -23.99 11.71
N PRO A 269 21.24 -24.34 11.63
CA PRO A 269 22.15 -24.07 12.75
C PRO A 269 22.20 -22.60 13.09
N ASP A 270 22.47 -22.28 14.36
CA ASP A 270 22.52 -20.87 14.76
C ASP A 270 23.57 -20.11 13.97
N GLU A 271 24.72 -20.74 13.71
CA GLU A 271 25.82 -20.09 13.01
C GLU A 271 25.44 -19.67 11.58
N VAL A 272 24.54 -20.41 10.95
CA VAL A 272 23.98 -20.02 9.65
C VAL A 272 22.98 -18.87 9.85
N TYR A 273 22.15 -18.99 10.88
CA TYR A 273 21.16 -17.95 11.19
C TYR A 273 21.80 -16.61 11.55
N GLN A 274 22.97 -16.63 12.19
CA GLN A 274 23.67 -15.37 12.47
C GLN A 274 24.16 -14.69 11.19
N LEU A 275 24.63 -15.46 10.21
CA LEU A 275 25.03 -14.86 8.93
C LEU A 275 23.82 -14.19 8.28
N MET A 276 22.68 -14.85 8.39
CA MET A 276 21.44 -14.33 7.86
C MET A 276 21.05 -13.01 8.56
N ARG A 277 21.18 -12.97 9.88
CA ARG A 277 20.84 -11.76 10.65
C ARG A 277 21.72 -10.54 10.33
N LYS A 278 22.98 -10.77 9.98
CA LYS A 278 23.87 -9.69 9.55
C LYS A 278 23.42 -9.03 8.24
N CYS A 279 22.60 -9.73 7.46
CA CYS A 279 21.98 -9.16 6.25
C CYS A 279 20.88 -8.19 6.59
N TRP A 280 20.37 -8.27 7.81
CA TRP A 280 19.16 -7.56 8.22
C TRP A 280 19.37 -6.53 9.30
N GLU A 281 20.56 -5.94 9.32
CA GLU A 281 20.80 -4.77 10.15
C GLU A 281 19.94 -3.62 9.60
N PHE A 282 19.22 -2.94 10.49
CA PHE A 282 18.29 -1.91 10.06
C PHE A 282 18.99 -0.88 9.19
N GLN A 283 20.21 -0.49 9.58
CA GLN A 283 20.99 0.50 8.84
C GLN A 283 21.87 -0.15 7.75
N PRO A 284 21.76 0.32 6.50
CA PRO A 284 22.50 -0.23 5.36
C PRO A 284 23.99 -0.34 5.61
N SER A 285 24.58 0.70 6.19
CA SER A 285 26.03 0.74 6.41
C SER A 285 26.48 -0.29 7.45
N ASN A 286 25.56 -0.77 8.28
CA ASN A 286 25.88 -1.82 9.26
C ASN A 286 25.75 -3.27 8.75
N ARG A 287 25.24 -3.46 7.53
CA ARG A 287 25.04 -4.82 7.01
C ARG A 287 26.33 -5.45 6.52
N THR A 288 26.38 -6.77 6.58
CA THR A 288 27.48 -7.51 5.98
C THR A 288 27.51 -7.26 4.48
N SER A 289 28.62 -7.64 3.85
CA SER A 289 28.82 -7.52 2.42
C SER A 289 28.69 -8.92 1.79
N PHE A 290 28.59 -8.97 0.48
CA PHE A 290 28.54 -10.25 -0.20
C PHE A 290 29.86 -11.01 -0.04
N GLN A 291 30.99 -10.31 -0.14
CA GLN A 291 32.28 -10.96 0.05
C GLN A 291 32.45 -11.58 1.45
N ASN A 292 31.95 -10.88 2.48
CA ASN A 292 31.99 -11.41 3.84
C ASN A 292 31.09 -12.64 4.02
N LEU A 293 29.94 -12.63 3.37
CA LEU A 293 29.04 -13.77 3.40
C LEU A 293 29.72 -14.98 2.79
N ILE A 294 30.38 -14.79 1.65
CA ILE A 294 31.10 -15.86 0.98
C ILE A 294 32.11 -16.45 1.95
N GLU A 295 32.91 -15.59 2.57
CA GLU A 295 33.90 -16.04 3.55
C GLU A 295 33.24 -16.84 4.67
N GLY A 296 32.15 -16.30 5.22
CA GLY A 296 31.41 -16.97 6.30
C GLY A 296 30.91 -18.34 5.91
N PHE A 297 30.31 -18.47 4.73
CA PHE A 297 29.80 -19.77 4.26
C PHE A 297 30.92 -20.77 4.00
N GLU A 298 31.97 -20.31 3.32
CA GLU A 298 33.11 -21.15 3.00
C GLU A 298 33.74 -21.71 4.28
N ALA A 299 33.76 -20.90 5.34
CA ALA A 299 34.27 -21.35 6.63
C ALA A 299 33.38 -22.43 7.24
N LEU A 300 32.07 -22.34 6.99
CA LEU A 300 31.15 -23.34 7.48
C LEU A 300 31.23 -24.64 6.66
N LEU A 301 31.63 -24.51 5.40
CA LEU A 301 31.75 -25.65 4.50
C LEU A 301 33.02 -26.50 4.74
N LYS A 302 34.11 -25.85 5.15
CA LYS A 302 35.38 -26.56 5.37
C LYS A 302 35.42 -27.33 6.70
N VAL B 13 -45.75 2.62 26.26
CA VAL B 13 -45.06 2.84 24.96
C VAL B 13 -43.71 3.52 25.18
N ASP B 14 -42.68 3.02 24.49
CA ASP B 14 -41.35 3.60 24.53
C ASP B 14 -41.16 4.39 23.23
N PRO B 15 -41.00 5.72 23.33
CA PRO B 15 -40.83 6.56 22.14
C PRO B 15 -39.50 6.31 21.39
N THR B 16 -38.56 5.60 22.02
CA THR B 16 -37.30 5.24 21.39
C THR B 16 -37.31 3.83 20.81
N HIS B 17 -38.47 3.15 20.86
CA HIS B 17 -38.60 1.83 20.26
C HIS B 17 -39.37 1.98 18.98
N PHE B 18 -38.74 1.61 17.88
CA PHE B 18 -39.32 1.71 16.55
C PHE B 18 -39.60 0.28 16.10
N GLU B 19 -40.85 -0.02 15.81
CA GLU B 19 -41.20 -1.37 15.33
C GLU B 19 -40.83 -1.55 13.86
N LYS B 20 -40.14 -2.66 13.55
CA LYS B 20 -39.70 -2.91 12.20
C LYS B 20 -40.86 -2.82 11.21
N ARG B 21 -42.03 -3.34 11.59
CA ARG B 21 -43.15 -3.41 10.64
C ARG B 21 -43.63 -2.04 10.15
N PHE B 22 -43.31 -0.97 10.87
CA PHE B 22 -43.74 0.38 10.47
C PHE B 22 -42.61 1.21 9.85
N LEU B 23 -41.41 0.64 9.77
CA LEU B 23 -40.22 1.36 9.31
C LEU B 23 -40.03 1.07 7.84
N LYS B 24 -40.40 2.02 6.98
CA LYS B 24 -40.41 1.82 5.54
C LYS B 24 -39.24 2.50 4.85
N ARG B 25 -38.43 1.68 4.17
CA ARG B 25 -37.23 2.14 3.50
C ARG B 25 -37.57 2.97 2.28
N ILE B 26 -36.96 4.15 2.17
CA ILE B 26 -37.12 5.01 1.00
C ILE B 26 -35.91 4.96 0.08
N ARG B 27 -34.72 5.27 0.62
CA ARG B 27 -33.51 5.28 -0.19
C ARG B 27 -32.26 5.28 0.65
N ASP B 28 -31.15 4.91 0.02
CA ASP B 28 -29.85 4.94 0.66
C ASP B 28 -29.35 6.37 0.83
N LEU B 29 -28.74 6.63 1.99
CA LEU B 29 -28.13 7.92 2.25
C LEU B 29 -26.60 7.85 2.19
N GLY B 30 -26.06 6.71 2.59
CA GLY B 30 -24.64 6.55 2.59
C GLY B 30 -24.24 5.21 3.13
N GLU B 31 -22.92 5.07 3.17
N GLU B 31 -23.03 4.78 2.78
CA GLU B 31 -22.20 3.84 3.42
CA GLU B 31 -22.70 3.35 2.87
C GLU B 31 -21.05 4.12 4.40
C GLU B 31 -21.23 3.11 3.08
N GLY B 32 -20.65 3.11 5.15
N GLY B 32 -20.94 1.98 3.72
CA GLY B 32 -19.49 3.22 6.03
CA GLY B 32 -19.57 1.55 3.95
C GLY B 32 -18.45 2.19 5.67
C GLY B 32 -19.40 0.11 3.54
N HIS B 33 -17.49 1.99 6.56
N HIS B 33 -18.42 -0.57 4.14
CA HIS B 33 -16.53 0.92 6.37
CA HIS B 33 -18.16 -1.96 3.83
C HIS B 33 -17.26 -0.32 6.70
C HIS B 33 -18.92 -2.86 4.77
N PHE B 34 -18.36 -0.20 7.44
N PHE B 34 -19.39 -2.28 5.87
CA PHE B 34 -18.99 -1.43 7.88
CA PHE B 34 -20.07 -3.02 6.94
C PHE B 34 -20.43 -1.85 7.51
C PHE B 34 -21.00 -2.15 7.73
N GLY B 35 -21.42 -1.01 7.19
CA GLY B 35 -22.49 -0.24 7.86
C GLY B 35 -23.15 0.62 6.79
N LYS B 36 -24.49 0.71 6.79
CA LYS B 36 -25.17 1.63 5.86
C LYS B 36 -26.30 2.41 6.49
N VAL B 37 -26.54 3.59 5.95
CA VAL B 37 -27.58 4.45 6.45
C VAL B 37 -28.63 4.66 5.36
N GLU B 38 -29.89 4.44 5.72
CA GLU B 38 -31.02 4.62 4.80
C GLU B 38 -32.02 5.64 5.33
N LEU B 39 -32.65 6.37 4.40
CA LEU B 39 -33.79 7.18 4.71
C LEU B 39 -35.01 6.26 4.80
N CYS B 40 -35.72 6.33 5.93
CA CYS B 40 -36.97 5.60 6.11
C CYS B 40 -38.07 6.53 6.59
N ARG B 41 -39.31 6.09 6.42
CA ARG B 41 -40.42 6.77 7.07
C ARG B 41 -40.93 5.83 8.15
N TYR B 42 -41.10 6.33 9.36
CA TYR B 42 -41.74 5.53 10.40
C TYR B 42 -43.22 5.87 10.37
N ASP B 43 -44.05 4.93 9.93
CA ASP B 43 -45.42 5.25 9.53
C ASP B 43 -46.43 4.30 10.14
N PRO B 44 -46.51 4.27 11.48
CA PRO B 44 -47.45 3.39 12.18
C PRO B 44 -48.93 3.63 11.79
N GLU B 45 -49.29 4.83 11.37
CA GLU B 45 -50.67 5.08 10.92
C GLU B 45 -50.94 4.61 9.49
N GLY B 46 -49.89 4.31 8.73
CA GLY B 46 -50.04 3.72 7.39
C GLY B 46 -50.57 4.64 6.30
N ASP B 47 -50.35 5.95 6.42
CA ASP B 47 -50.85 6.93 5.44
C ASP B 47 -49.78 7.91 4.93
N ASN B 48 -48.52 7.53 5.06
CA ASN B 48 -47.40 8.37 4.61
C ASN B 48 -47.31 9.72 5.32
N THR B 49 -47.83 9.79 6.55
CA THR B 49 -47.72 11.02 7.35
C THR B 49 -46.70 10.89 8.48
N GLY B 50 -46.12 9.71 8.65
CA GLY B 50 -45.08 9.50 9.66
C GLY B 50 -43.80 10.30 9.42
N GLU B 51 -42.98 10.42 10.46
CA GLU B 51 -41.71 11.15 10.37
C GLU B 51 -40.65 10.38 9.55
N GLN B 52 -39.89 11.11 8.74
CA GLN B 52 -38.72 10.56 8.07
C GLN B 52 -37.56 10.47 9.08
N VAL B 53 -36.86 9.35 9.08
CA VAL B 53 -35.72 9.12 9.98
C VAL B 53 -34.54 8.52 9.19
N ALA B 54 -33.34 8.68 9.74
CA ALA B 54 -32.16 8.03 9.17
C ALA B 54 -31.89 6.77 9.98
N VAL B 55 -31.71 5.64 9.28
CA VAL B 55 -31.61 4.31 9.89
C VAL B 55 -30.28 3.66 9.53
N LYS B 56 -29.45 3.42 10.55
CA LYS B 56 -28.19 2.73 10.35
C LYS B 56 -28.30 1.25 10.67
N SER B 57 -27.82 0.43 9.75
CA SER B 57 -27.87 -1.00 9.94
C SER B 57 -26.59 -1.64 9.43
N LEU B 58 -26.38 -2.89 9.80
CA LEU B 58 -25.21 -3.62 9.33
C LEU B 58 -25.42 -4.12 7.92
N LYS B 59 -24.34 -4.18 7.15
CA LYS B 59 -24.36 -4.86 5.86
C LYS B 59 -24.19 -6.36 6.07
N PRO B 60 -25.09 -7.18 5.49
CA PRO B 60 -24.98 -8.64 5.61
C PRO B 60 -23.93 -9.22 4.66
N ASN B 65 -18.39 -10.53 12.13
CA ASN B 65 -19.61 -9.82 12.46
C ASN B 65 -19.37 -8.62 13.38
N HIS B 66 -20.14 -7.55 13.16
CA HIS B 66 -19.90 -6.25 13.78
C HIS B 66 -21.06 -5.74 14.59
N ILE B 67 -21.94 -6.64 15.01
CA ILE B 67 -23.10 -6.26 15.81
C ILE B 67 -22.65 -5.56 17.07
N ALA B 68 -21.61 -6.09 17.71
CA ALA B 68 -21.08 -5.49 18.94
C ALA B 68 -20.63 -4.06 18.70
N ASP B 69 -20.00 -3.82 17.54
CA ASP B 69 -19.54 -2.47 17.22
C ASP B 69 -20.71 -1.49 17.06
N LEU B 70 -21.76 -1.91 16.36
CA LEU B 70 -22.91 -1.07 16.18
C LEU B 70 -23.60 -0.78 17.52
N LYS B 71 -23.74 -1.81 18.35
CA LYS B 71 -24.33 -1.62 19.67
C LYS B 71 -23.54 -0.61 20.49
N LYS B 72 -22.21 -0.62 20.33
CA LYS B 72 -21.36 0.32 21.05
C LYS B 72 -21.59 1.72 20.50
N GLU B 73 -21.70 1.85 19.19
CA GLU B 73 -22.00 3.13 18.57
C GLU B 73 -23.32 3.72 19.08
N ILE B 74 -24.33 2.85 19.21
CA ILE B 74 -25.63 3.25 19.70
C ILE B 74 -25.53 3.76 21.14
N GLU B 75 -24.82 3.03 21.98
CA GLU B 75 -24.66 3.47 23.37
C GLU B 75 -23.92 4.79 23.47
N ILE B 76 -22.95 5.02 22.60
CA ILE B 76 -22.23 6.31 22.59
C ILE B 76 -23.19 7.43 22.21
N LEU B 77 -23.84 7.30 21.06
CA LEU B 77 -24.64 8.36 20.54
C LEU B 77 -25.85 8.66 21.42
N ARG B 78 -26.44 7.63 22.00
CA ARG B 78 -27.62 7.77 22.85
C ARG B 78 -27.41 8.74 24.01
N ASN B 79 -26.17 8.81 24.47
CA ASN B 79 -25.81 9.61 25.65
C ASN B 79 -25.00 10.84 25.32
N LEU B 80 -24.95 11.21 24.03
CA LEU B 80 -24.37 12.49 23.62
C LEU B 80 -25.49 13.48 23.39
N TYR B 81 -25.39 14.64 24.04
CA TYR B 81 -26.39 15.70 23.91
C TYR B 81 -25.71 17.01 23.60
N HIS B 82 -25.79 17.45 22.35
CA HIS B 82 -25.15 18.69 21.94
C HIS B 82 -25.80 19.17 20.68
N GLU B 83 -25.97 20.49 20.54
CA GLU B 83 -26.64 21.03 19.37
C GLU B 83 -25.88 20.76 18.08
N ASN B 84 -24.57 20.52 18.15
CA ASN B 84 -23.77 20.14 16.97
C ASN B 84 -23.44 18.66 16.80
N ILE B 85 -24.28 17.80 17.37
CA ILE B 85 -24.17 16.36 17.22
C ILE B 85 -25.57 15.86 16.86
N VAL B 86 -25.62 15.02 15.82
CA VAL B 86 -26.90 14.52 15.31
C VAL B 86 -27.69 13.79 16.39
N LYS B 87 -29.00 14.01 16.41
CA LYS B 87 -29.83 13.47 17.47
C LYS B 87 -30.15 12.00 17.29
N TYR B 88 -29.83 11.22 18.32
CA TYR B 88 -30.37 9.87 18.53
C TYR B 88 -31.88 9.92 18.72
N LYS B 89 -32.60 9.03 18.04
CA LYS B 89 -34.04 8.91 18.19
C LYS B 89 -34.44 7.58 18.83
N GLY B 90 -33.75 6.50 18.50
CA GLY B 90 -34.06 5.21 19.05
C GLY B 90 -33.41 4.05 18.37
N ILE B 91 -33.94 2.86 18.64
CA ILE B 91 -33.47 1.62 18.02
C ILE B 91 -34.62 0.78 17.45
N CYS B 92 -34.27 -0.14 16.55
CA CYS B 92 -35.21 -1.11 16.03
C CYS B 92 -34.52 -2.46 16.23
N THR B 93 -35.15 -3.37 16.96
CA THR B 93 -34.54 -4.66 17.25
C THR B 93 -35.34 -5.81 16.66
N ASN B 98 -31.49 -10.75 17.89
CA ASN B 98 -30.05 -10.50 17.85
C ASN B 98 -29.67 -9.21 17.14
N GLY B 99 -30.30 -8.94 16.00
CA GLY B 99 -29.99 -7.77 15.18
C GLY B 99 -30.54 -6.46 15.74
N ILE B 100 -29.99 -5.35 15.27
CA ILE B 100 -30.41 -4.04 15.77
C ILE B 100 -30.15 -3.00 14.70
N LYS B 101 -30.96 -1.93 14.72
CA LYS B 101 -30.77 -0.78 13.84
C LYS B 101 -30.76 0.48 14.69
N LEU B 102 -29.89 1.42 14.33
CA LEU B 102 -29.84 2.75 14.99
C LEU B 102 -30.70 3.76 14.24
N ILE B 103 -31.59 4.44 14.97
CA ILE B 103 -32.51 5.41 14.39
C ILE B 103 -32.06 6.82 14.79
N MET B 104 -31.85 7.66 13.80
CA MET B 104 -31.38 9.02 14.02
C MET B 104 -32.29 10.00 13.31
N GLU B 105 -32.19 11.27 13.69
CA GLU B 105 -32.86 12.31 12.94
C GLU B 105 -32.34 12.35 11.51
N PHE B 106 -33.25 12.66 10.59
CA PHE B 106 -32.91 12.85 9.18
C PHE B 106 -32.76 14.32 8.88
N LEU B 107 -31.62 14.68 8.30
CA LEU B 107 -31.35 16.07 7.90
C LEU B 107 -31.36 16.17 6.37
N PRO B 108 -32.48 16.67 5.82
CA PRO B 108 -32.68 16.65 4.35
C PRO B 108 -31.58 17.29 3.50
N SER B 109 -30.85 18.25 4.04
CA SER B 109 -29.76 18.92 3.30
C SER B 109 -28.52 18.09 3.13
N GLY B 110 -28.43 16.96 3.81
CA GLY B 110 -27.34 16.05 3.63
C GLY B 110 -26.07 16.55 4.31
N SER B 111 -24.94 16.03 3.87
CA SER B 111 -23.67 16.47 4.39
C SER B 111 -23.16 17.69 3.64
N LEU B 112 -22.11 18.28 4.19
CA LEU B 112 -21.39 19.35 3.49
C LEU B 112 -20.96 18.98 2.08
N LYS B 113 -20.75 17.69 1.81
CA LYS B 113 -20.37 17.24 0.48
C LYS B 113 -21.51 17.42 -0.51
N GLU B 114 -22.74 17.27 -0.04
CA GLU B 114 -23.92 17.49 -0.91
C GLU B 114 -24.29 18.97 -0.93
N TYR B 115 -24.22 19.60 0.23
CA TYR B 115 -24.77 20.93 0.39
C TYR B 115 -23.89 22.06 -0.14
N LEU B 116 -22.59 22.02 0.13
CA LEU B 116 -21.72 23.13 -0.25
C LEU B 116 -21.66 23.37 -1.77
N PRO B 117 -21.53 22.33 -2.58
CA PRO B 117 -21.43 22.60 -4.03
C PRO B 117 -22.64 23.28 -4.60
N LYS B 118 -23.79 23.07 -3.96
CA LYS B 118 -25.06 23.57 -4.43
C LYS B 118 -25.40 24.91 -3.84
N ASN B 119 -24.65 25.36 -2.83
CA ASN B 119 -25.01 26.58 -2.13
C ASN B 119 -23.88 27.60 -2.00
N LYS B 120 -22.85 27.45 -2.83
CA LYS B 120 -21.70 28.37 -2.84
C LYS B 120 -22.11 29.82 -2.73
N ASN B 121 -23.11 30.22 -3.49
CA ASN B 121 -23.53 31.62 -3.53
C ASN B 121 -24.09 32.14 -2.22
N LYS B 122 -24.72 31.25 -1.45
CA LYS B 122 -25.37 31.60 -0.19
C LYS B 122 -24.38 31.54 0.98
N ILE B 123 -23.31 30.74 0.83
CA ILE B 123 -22.40 30.44 1.95
C ILE B 123 -21.06 31.15 1.71
N ASN B 124 -20.86 32.28 2.39
CA ASN B 124 -19.62 33.06 2.28
C ASN B 124 -18.64 32.70 3.40
N LEU B 125 -17.51 33.38 3.44
CA LEU B 125 -16.43 33.04 4.36
C LEU B 125 -16.89 33.10 5.81
N LYS B 126 -17.67 34.11 6.13
CA LYS B 126 -18.20 34.25 7.47
C LYS B 126 -19.03 33.02 7.88
N GLN B 127 -19.86 32.55 6.97
CA GLN B 127 -20.68 31.38 7.28
C GLN B 127 -19.83 30.13 7.40
N GLN B 128 -18.78 30.03 6.59
CA GLN B 128 -17.87 28.91 6.66
C GLN B 128 -17.17 28.87 8.01
N LEU B 129 -16.74 30.02 8.51
CA LEU B 129 -16.09 30.07 9.83
C LEU B 129 -17.04 29.72 10.97
N LYS B 130 -18.31 30.13 10.86
CA LYS B 130 -19.31 29.75 11.85
C LYS B 130 -19.52 28.24 11.84
N TYR B 131 -19.58 27.63 10.67
CA TYR B 131 -19.61 26.16 10.62
C TYR B 131 -18.36 25.55 11.27
N ALA B 132 -17.21 26.15 11.01
CA ALA B 132 -15.95 25.63 11.53
C ALA B 132 -16.00 25.66 13.07
N VAL B 133 -16.50 26.73 13.65
CA VAL B 133 -16.69 26.83 15.11
C VAL B 133 -17.64 25.76 15.65
N GLN B 134 -18.74 25.53 14.96
CA GLN B 134 -19.72 24.52 15.37
C GLN B 134 -19.16 23.12 15.31
N ILE B 135 -18.40 22.82 14.27
CA ILE B 135 -17.73 21.53 14.22
C ILE B 135 -16.75 21.39 15.40
N CYS B 136 -15.97 22.42 15.67
CA CYS B 136 -15.05 22.39 16.83
C CYS B 136 -15.77 22.20 18.18
N LYS B 137 -16.94 22.82 18.33
CA LYS B 137 -17.70 22.68 19.55
C LYS B 137 -18.22 21.26 19.74
N GLY B 138 -18.71 20.65 18.66
CA GLY B 138 -19.11 19.26 18.72
C GLY B 138 -17.97 18.34 19.07
N MET B 139 -16.85 18.53 18.40
CA MET B 139 -15.68 17.71 18.60
C MET B 139 -15.09 17.93 20.00
N ASP B 140 -15.11 19.16 20.48
CA ASP B 140 -14.63 19.44 21.83
C ASP B 140 -15.52 18.75 22.86
N TYR B 141 -16.82 18.73 22.61
CA TYR B 141 -17.75 18.05 23.49
C TYR B 141 -17.47 16.55 23.55
N LEU B 142 -17.22 15.95 22.39
CA LEU B 142 -16.86 14.54 22.28
C LEU B 142 -15.57 14.21 23.04
N GLY B 143 -14.53 15.01 22.83
CA GLY B 143 -13.26 14.87 23.54
C GLY B 143 -13.37 15.00 25.04
N SER B 144 -14.34 15.80 25.50
CA SER B 144 -14.58 15.96 26.93
C SER B 144 -15.21 14.70 27.53
N ARG B 145 -15.92 13.92 26.72
CA ARG B 145 -16.47 12.64 27.11
C ARG B 145 -15.46 11.50 26.90
N GLN B 146 -14.21 11.85 26.58
CA GLN B 146 -13.11 10.90 26.42
C GLN B 146 -13.28 9.98 25.20
N TYR B 147 -13.79 10.55 24.10
CA TYR B 147 -13.90 9.84 22.83
C TYR B 147 -12.97 10.42 21.79
N VAL B 148 -12.41 9.55 20.95
CA VAL B 148 -11.80 9.97 19.70
C VAL B 148 -12.77 9.52 18.59
N HIS B 149 -12.98 10.41 17.63
CA HIS B 149 -13.93 10.17 16.53
C HIS B 149 -13.35 9.33 15.41
N ARG B 150 -12.13 9.67 14.99
CA ARG B 150 -11.36 8.90 13.99
C ARG B 150 -11.90 8.92 12.55
N ASP B 151 -12.91 9.72 12.27
CA ASP B 151 -13.51 9.76 10.92
C ASP B 151 -14.05 11.15 10.56
N LEU B 152 -13.38 12.19 11.04
CA LEU B 152 -13.86 13.56 10.84
C LEU B 152 -13.48 13.98 9.44
N ALA B 153 -14.51 14.14 8.62
CA ALA B 153 -14.39 14.52 7.24
C ALA B 153 -15.73 15.21 6.84
N ALA B 154 -15.72 16.01 5.79
CA ALA B 154 -16.90 16.80 5.39
C ALA B 154 -18.11 15.92 5.11
N ARG B 155 -17.88 14.71 4.61
CA ARG B 155 -19.00 13.75 4.38
C ARG B 155 -19.73 13.33 5.67
N ASN B 156 -19.10 13.55 6.84
CA ASN B 156 -19.73 13.25 8.12
C ASN B 156 -20.25 14.46 8.88
N VAL B 157 -20.21 15.63 8.26
CA VAL B 157 -20.78 16.82 8.84
C VAL B 157 -22.10 17.15 8.15
N LEU B 158 -23.19 17.08 8.90
CA LEU B 158 -24.52 17.29 8.36
C LEU B 158 -24.96 18.73 8.48
N VAL B 159 -25.77 19.15 7.52
CA VAL B 159 -26.32 20.49 7.47
C VAL B 159 -27.74 20.50 7.99
N GLU B 160 -27.93 21.08 9.17
CA GLU B 160 -29.27 21.19 9.78
C GLU B 160 -30.01 22.34 9.14
N SER B 161 -29.28 23.39 8.79
CA SER B 161 -29.85 24.59 8.14
C SER B 161 -28.69 25.43 7.66
N GLU B 162 -28.99 26.51 6.94
CA GLU B 162 -27.95 27.42 6.48
C GLU B 162 -27.05 27.90 7.65
N HIS B 163 -27.58 27.87 8.86
CA HIS B 163 -26.88 28.43 10.02
C HIS B 163 -26.33 27.42 10.97
N GLN B 164 -26.53 26.12 10.71
CA GLN B 164 -26.16 25.12 11.72
C GLN B 164 -25.73 23.81 11.12
N VAL B 165 -24.60 23.29 11.59
CA VAL B 165 -24.16 21.95 11.18
C VAL B 165 -24.09 21.00 12.38
N LYS B 166 -24.03 19.70 12.11
CA LYS B 166 -23.94 18.66 13.16
C LYS B 166 -23.02 17.53 12.70
N ILE B 167 -22.21 17.02 13.61
CA ILE B 167 -21.44 15.82 13.35
C ILE B 167 -22.41 14.65 13.26
N GLY B 168 -22.37 13.93 12.16
CA GLY B 168 -23.48 13.03 11.80
C GLY B 168 -23.22 11.55 11.72
N ASP B 169 -22.03 11.10 12.13
CA ASP B 169 -21.74 9.66 12.17
C ASP B 169 -20.67 9.37 13.19
N PHE B 170 -20.81 8.25 13.86
CA PHE B 170 -19.90 7.87 14.94
C PHE B 170 -19.43 6.44 14.81
N GLY B 171 -19.41 5.93 13.58
CA GLY B 171 -19.05 4.53 13.30
C GLY B 171 -17.69 4.05 13.78
N LEU B 172 -16.71 4.93 13.80
CA LEU B 172 -15.35 4.59 14.23
C LEU B 172 -14.97 5.16 15.60
N THR B 173 -15.92 5.78 16.29
CA THR B 173 -15.65 6.47 17.55
C THR B 173 -15.31 5.46 18.67
N LYS B 174 -14.26 5.77 19.43
CA LYS B 174 -13.72 4.88 20.45
C LYS B 174 -13.45 5.65 21.74
N ALA B 175 -13.63 4.98 22.87
CA ALA B 175 -13.30 5.54 24.18
C ALA B 175 -11.78 5.58 24.38
N ILE B 176 -11.27 6.68 24.91
CA ILE B 176 -9.90 6.71 25.44
C ILE B 176 -9.96 6.30 26.91
N GLU B 177 -9.11 5.36 27.30
CA GLU B 177 -9.08 4.86 28.68
C GLU B 177 -8.71 6.00 29.65
N THR B 178 -9.34 6.01 30.83
CA THR B 178 -9.04 7.00 31.87
C THR B 178 -7.54 7.01 32.15
N ASP B 179 -6.98 8.21 32.27
CA ASP B 179 -5.54 8.41 32.53
C ASP B 179 -4.61 8.02 31.37
N LYS B 180 -5.16 7.43 30.30
CA LYS B 180 -4.40 7.16 29.08
C LYS B 180 -4.64 8.28 28.07
N GLU B 181 -3.80 8.33 27.04
CA GLU B 181 -3.82 9.46 26.09
C GLU B 181 -4.30 9.11 24.68
N THR B 184 -5.38 2.53 20.67
CA THR B 184 -4.59 1.78 19.71
C THR B 184 -5.50 1.07 18.71
N VAL B 185 -5.29 1.36 17.43
CA VAL B 185 -6.10 0.81 16.35
C VAL B 185 -5.63 -0.57 15.92
N LYS B 186 -6.58 -1.47 15.70
CA LYS B 186 -6.31 -2.83 15.21
C LYS B 186 -6.76 -2.97 13.77
N ASP B 187 -8.06 -2.84 13.51
CA ASP B 187 -8.58 -2.87 12.15
C ASP B 187 -8.38 -1.50 11.48
N ASP B 188 -7.59 -1.46 10.41
CA ASP B 188 -7.21 -0.18 9.75
C ASP B 188 -7.30 -0.24 8.23
N ARG B 189 -7.89 -1.31 7.72
CA ARG B 189 -7.91 -1.61 6.29
C ARG B 189 -8.59 -0.50 5.48
N ASP B 190 -9.66 0.06 6.02
CA ASP B 190 -10.44 1.08 5.31
C ASP B 190 -10.26 2.48 5.91
N SER B 191 -9.07 2.75 6.46
CA SER B 191 -8.77 4.08 7.02
C SER B 191 -8.82 5.17 5.94
N PRO B 192 -9.42 6.33 6.27
CA PRO B 192 -9.41 7.52 5.42
C PRO B 192 -8.04 8.19 5.56
N VAL B 193 -7.04 7.62 4.90
CA VAL B 193 -5.66 7.95 5.18
C VAL B 193 -5.31 9.41 4.88
N PHE B 194 -5.99 10.01 3.90
CA PHE B 194 -5.70 11.40 3.55
C PHE B 194 -6.25 12.42 4.56
N TRP B 195 -6.96 11.94 5.57
CA TRP B 195 -7.44 12.76 6.67
C TRP B 195 -6.68 12.48 7.93
N TYR B 196 -5.69 11.59 7.87
CA TYR B 196 -5.10 11.03 9.08
C TYR B 196 -3.75 11.62 9.46
N ALA B 197 -3.57 11.85 10.76
CA ALA B 197 -2.32 12.34 11.31
C ALA B 197 -1.18 11.30 11.15
N PRO B 198 0.08 11.75 11.15
CA PRO B 198 1.23 10.84 11.05
C PRO B 198 1.25 9.68 12.05
N GLU B 199 0.99 9.97 13.33
CA GLU B 199 0.98 8.93 14.37
C GLU B 199 -0.06 7.83 14.12
N CYS B 200 -1.17 8.18 13.46
CA CYS B 200 -2.18 7.20 13.09
C CYS B 200 -1.68 6.35 11.94
N LEU B 201 -1.06 7.00 10.96
CA LEU B 201 -0.56 6.34 9.77
C LEU B 201 0.65 5.45 10.09
N MET B 202 1.51 5.90 10.98
CA MET B 202 2.76 5.21 11.27
C MET B 202 2.62 4.15 12.35
N GLN B 203 1.94 4.48 13.45
CA GLN B 203 1.89 3.62 14.64
C GLN B 203 0.51 3.12 15.04
N SER B 204 -0.55 3.63 14.41
CA SER B 204 -1.92 3.22 14.73
C SER B 204 -2.35 3.68 16.13
N LYS B 205 -1.84 4.83 16.56
CA LYS B 205 -2.25 5.44 17.82
C LYS B 205 -3.18 6.61 17.51
N PHE B 206 -4.24 6.76 18.31
CA PHE B 206 -5.22 7.83 18.09
C PHE B 206 -5.48 8.71 19.31
N TYR B 207 -5.04 9.96 19.22
CA TYR B 207 -5.18 10.98 20.28
C TYR B 207 -6.30 11.94 19.91
N ILE B 208 -6.80 12.69 20.89
CA ILE B 208 -7.68 13.83 20.61
C ILE B 208 -7.03 14.78 19.60
N ALA B 209 -5.71 14.94 19.71
CA ALA B 209 -4.91 15.74 18.78
C ALA B 209 -4.95 15.20 17.36
N SER B 210 -5.18 13.90 17.21
CA SER B 210 -5.32 13.28 15.89
C SER B 210 -6.64 13.70 15.22
N ASP B 211 -7.70 13.89 16.02
CA ASP B 211 -8.96 14.48 15.54
C ASP B 211 -8.75 15.95 15.17
N VAL B 212 -7.88 16.66 15.88
CA VAL B 212 -7.57 18.04 15.50
C VAL B 212 -7.00 18.10 14.07
N TRP B 213 -6.08 17.17 13.76
CA TRP B 213 -5.49 17.06 12.43
C TRP B 213 -6.55 16.84 11.38
N SER B 214 -7.42 15.88 11.64
CA SER B 214 -8.54 15.57 10.72
C SER B 214 -9.44 16.78 10.54
N PHE B 215 -9.64 17.55 11.62
CA PHE B 215 -10.43 18.76 11.50
C PHE B 215 -9.81 19.76 10.52
N GLY B 216 -8.49 19.89 10.57
CA GLY B 216 -7.79 20.79 9.66
C GLY B 216 -8.06 20.44 8.22
N VAL B 217 -8.04 19.13 7.91
CA VAL B 217 -8.36 18.66 6.55
C VAL B 217 -9.83 18.90 6.20
N THR B 218 -10.73 18.70 7.17
CA THR B 218 -12.15 18.97 7.01
C THR B 218 -12.35 20.46 6.74
N LEU B 219 -11.61 21.32 7.44
CA LEU B 219 -11.66 22.77 7.19
C LEU B 219 -11.25 23.11 5.77
N HIS B 220 -10.24 22.40 5.25
CA HIS B 220 -9.81 22.59 3.89
C HIS B 220 -10.93 22.26 2.92
N GLU B 221 -11.63 21.17 3.17
CA GLU B 221 -12.77 20.78 2.34
C GLU B 221 -13.87 21.81 2.37
N LEU B 222 -14.18 22.30 3.55
CA LEU B 222 -15.21 23.28 3.75
C LEU B 222 -14.86 24.54 2.94
N LEU B 223 -13.59 24.92 2.97
CA LEU B 223 -13.15 26.15 2.29
C LEU B 223 -13.11 25.99 0.76
N THR B 224 -12.98 24.74 0.28
CA THR B 224 -13.05 24.43 -1.15
C THR B 224 -14.46 24.03 -1.59
N TYR B 225 -15.44 24.18 -0.69
CA TYR B 225 -16.83 23.87 -0.94
C TYR B 225 -16.99 22.40 -1.36
N CYS B 226 -16.13 21.54 -0.82
CA CYS B 226 -16.17 20.13 -1.10
C CYS B 226 -16.15 19.80 -2.59
N ASP B 227 -15.45 20.59 -3.38
CA ASP B 227 -15.35 20.23 -4.79
C ASP B 227 -14.42 19.03 -4.96
N SER B 228 -14.84 18.08 -5.78
CA SER B 228 -14.13 16.81 -5.90
C SER B 228 -12.72 16.99 -6.44
N ASP B 229 -12.53 17.96 -7.32
CA ASP B 229 -11.21 18.17 -7.92
C ASP B 229 -10.27 18.92 -7.00
N SER B 230 -10.77 19.36 -5.85
CA SER B 230 -9.93 19.97 -4.80
C SER B 230 -9.90 19.13 -3.53
N SER B 231 -10.45 17.92 -3.58
CA SER B 231 -10.56 17.12 -2.36
C SER B 231 -9.16 16.72 -1.89
N PRO B 232 -9.03 16.45 -0.58
CA PRO B 232 -7.74 16.07 0.02
C PRO B 232 -7.07 14.90 -0.68
N MET B 233 -7.86 13.91 -1.10
CA MET B 233 -7.33 12.79 -1.87
C MET B 233 -6.78 13.22 -3.24
N ALA B 234 -7.60 13.94 -4.02
CA ALA B 234 -7.18 14.44 -5.33
C ALA B 234 -5.87 15.22 -5.26
N LEU B 235 -5.78 16.10 -4.27
CA LEU B 235 -4.61 16.96 -4.10
C LEU B 235 -3.39 16.20 -3.62
N PHE B 236 -3.57 15.30 -2.65
CA PHE B 236 -2.45 14.51 -2.14
C PHE B 236 -1.89 13.57 -3.21
N LEU B 237 -2.78 12.92 -3.97
CA LEU B 237 -2.34 12.02 -5.05
C LEU B 237 -1.63 12.80 -6.15
N LYS B 238 -1.93 14.09 -6.28
CA LYS B 238 -1.19 14.98 -7.16
C LYS B 238 0.20 15.25 -6.61
N MET B 239 0.30 15.49 -5.31
CA MET B 239 1.61 15.71 -4.66
C MET B 239 2.52 14.50 -4.76
N ILE B 240 2.03 13.32 -4.41
CA ILE B 240 2.87 12.13 -4.23
C ILE B 240 2.88 11.16 -5.43
N GLY B 241 1.88 11.28 -6.29
CA GLY B 241 1.71 10.37 -7.43
C GLY B 241 0.54 9.43 -7.21
N PRO B 242 -0.31 9.24 -8.24
CA PRO B 242 -1.53 8.42 -8.15
C PRO B 242 -1.37 6.93 -8.49
N THR B 243 -0.14 6.50 -8.78
CA THR B 243 0.07 5.15 -9.32
C THR B 243 1.06 4.33 -8.46
N HIS B 244 0.96 4.45 -7.13
CA HIS B 244 1.88 3.77 -6.22
C HIS B 244 1.30 2.58 -5.51
N GLY B 245 0.02 2.30 -5.74
CA GLY B 245 -0.65 1.16 -5.14
C GLY B 245 -0.43 1.06 -3.63
N GLN B 246 0.11 -0.08 -3.20
CA GLN B 246 0.31 -0.37 -1.79
C GLN B 246 1.43 0.47 -1.14
N MET B 247 2.17 1.23 -1.95
CA MET B 247 3.20 2.14 -1.43
C MET B 247 2.63 3.55 -1.16
N THR B 248 1.37 3.78 -1.52
CA THR B 248 0.76 5.11 -1.37
C THR B 248 0.95 5.70 0.03
N VAL B 249 0.57 4.95 1.06
CA VAL B 249 0.61 5.45 2.43
C VAL B 249 2.02 5.78 2.91
N THR B 250 3.01 4.96 2.54
CA THR B 250 4.40 5.27 2.92
C THR B 250 4.88 6.52 2.23
N ARG B 251 4.51 6.69 0.97
CA ARG B 251 4.82 7.91 0.23
C ARG B 251 4.12 9.11 0.84
N LEU B 252 2.88 8.92 1.30
CA LEU B 252 2.17 9.96 2.05
C LEU B 252 2.91 10.33 3.34
N VAL B 253 3.30 9.33 4.12
CA VAL B 253 4.01 9.57 5.38
C VAL B 253 5.31 10.34 5.14
N ASN B 254 5.99 9.99 4.05
CA ASN B 254 7.23 10.66 3.71
C ASN B 254 7.01 12.10 3.30
N THR B 255 5.99 12.34 2.50
CA THR B 255 5.63 13.70 2.09
C THR B 255 5.36 14.58 3.30
N LEU B 256 4.62 14.05 4.28
CA LEU B 256 4.31 14.78 5.51
C LEU B 256 5.54 14.99 6.41
N LYS B 257 6.43 14.00 6.44
CA LYS B 257 7.69 14.13 7.19
C LYS B 257 8.54 15.30 6.69
N GLU B 258 8.53 15.51 5.37
CA GLU B 258 9.29 16.60 4.75
C GLU B 258 8.67 17.98 4.97
N GLY B 259 7.47 18.01 5.57
CA GLY B 259 6.82 19.28 5.91
C GLY B 259 5.83 19.75 4.87
N LYS B 260 5.56 18.92 3.86
CA LYS B 260 4.60 19.25 2.81
C LYS B 260 3.17 19.07 3.32
N ARG B 261 2.31 20.04 3.01
CA ARG B 261 0.92 20.05 3.46
C ARG B 261 0.03 20.49 2.32
N LEU B 262 -1.27 20.33 2.51
CA LEU B 262 -2.24 20.83 1.53
C LEU B 262 -2.07 22.34 1.37
N PRO B 263 -2.25 22.85 0.14
CA PRO B 263 -2.02 24.26 -0.14
C PRO B 263 -3.18 25.12 0.34
N CYS B 264 -2.94 26.41 0.44
CA CYS B 264 -3.99 27.34 0.84
C CYS B 264 -5.11 27.31 -0.19
N PRO B 265 -6.37 27.15 0.27
CA PRO B 265 -7.48 27.15 -0.68
C PRO B 265 -7.62 28.49 -1.35
N PRO B 266 -8.17 28.50 -2.56
CA PRO B 266 -8.40 29.78 -3.20
C PRO B 266 -9.29 30.65 -2.32
N ASN B 267 -9.03 31.95 -2.33
CA ASN B 267 -9.82 32.93 -1.59
C ASN B 267 -9.74 32.80 -0.07
N CYS B 268 -8.85 31.95 0.43
CA CYS B 268 -8.76 31.74 1.88
C CYS B 268 -7.69 32.67 2.44
N PRO B 269 -8.08 33.56 3.36
CA PRO B 269 -7.13 34.50 3.98
C PRO B 269 -6.02 33.78 4.72
N ASP B 270 -4.83 34.36 4.71
CA ASP B 270 -3.69 33.71 5.34
C ASP B 270 -3.93 33.43 6.83
N GLU B 271 -4.59 34.36 7.52
CA GLU B 271 -4.90 34.16 8.94
C GLU B 271 -5.78 32.91 9.18
N VAL B 272 -6.66 32.57 8.24
CA VAL B 272 -7.44 31.34 8.36
C VAL B 272 -6.54 30.15 8.08
N TYR B 273 -5.72 30.26 7.03
CA TYR B 273 -4.79 29.18 6.65
C TYR B 273 -3.79 28.88 7.76
N GLN B 274 -3.39 29.90 8.53
CA GLN B 274 -2.46 29.69 9.65
C GLN B 274 -3.11 28.88 10.77
N LEU B 275 -4.39 29.13 11.03
CA LEU B 275 -5.15 28.29 11.96
C LEU B 275 -5.17 26.84 11.49
N MET B 276 -5.42 26.66 10.20
CA MET B 276 -5.39 25.33 9.57
C MET B 276 -4.02 24.65 9.72
N ARG B 277 -2.95 25.39 9.48
CA ARG B 277 -1.60 24.83 9.60
C ARG B 277 -1.25 24.38 11.04
N LYS B 278 -1.82 25.04 12.05
CA LYS B 278 -1.59 24.60 13.44
C LYS B 278 -2.25 23.25 13.76
N CYS B 279 -3.19 22.82 12.91
CA CYS B 279 -3.81 21.50 13.02
C CYS B 279 -2.89 20.40 12.50
N TRP B 280 -1.91 20.81 11.70
CA TRP B 280 -1.05 19.86 11.01
C TRP B 280 0.40 19.90 11.42
N GLU B 281 0.68 20.21 12.69
CA GLU B 281 2.01 20.06 13.25
C GLU B 281 2.33 18.57 13.25
N PHE B 282 3.54 18.20 12.85
CA PHE B 282 3.88 16.78 12.73
C PHE B 282 3.66 16.06 14.06
N GLN B 283 4.14 16.67 15.15
CA GLN B 283 4.02 16.08 16.49
C GLN B 283 2.67 16.44 17.12
N PRO B 284 1.95 15.45 17.68
CA PRO B 284 0.63 15.64 18.32
C PRO B 284 0.62 16.67 19.45
N SER B 285 1.64 16.63 20.30
CA SER B 285 1.71 17.54 21.45
C SER B 285 1.91 19.01 21.03
N ASN B 286 2.39 19.24 19.81
CA ASN B 286 2.57 20.59 19.25
C ASN B 286 1.36 21.14 18.49
N ARG B 287 0.30 20.33 18.34
CA ARG B 287 -0.91 20.79 17.63
C ARG B 287 -1.78 21.66 18.50
N THR B 288 -2.53 22.55 17.86
CA THR B 288 -3.51 23.34 18.55
C THR B 288 -4.62 22.44 19.11
N SER B 289 -5.47 23.01 19.96
CA SER B 289 -6.62 22.32 20.52
C SER B 289 -7.90 22.86 19.89
N PHE B 290 -9.00 22.18 20.12
CA PHE B 290 -10.30 22.64 19.63
C PHE B 290 -10.71 23.95 20.31
N GLN B 291 -10.42 24.10 21.60
CA GLN B 291 -10.74 25.36 22.29
C GLN B 291 -9.98 26.54 21.68
N ASN B 292 -8.72 26.31 21.28
CA ASN B 292 -7.90 27.38 20.73
C ASN B 292 -8.40 27.75 19.33
N LEU B 293 -8.78 26.73 18.56
CA LEU B 293 -9.40 27.00 17.24
C LEU B 293 -10.67 27.84 17.39
N ILE B 294 -11.52 27.50 18.36
CA ILE B 294 -12.76 28.24 18.56
C ILE B 294 -12.44 29.71 18.87
N GLU B 295 -11.50 29.96 19.78
CA GLU B 295 -11.06 31.33 20.03
C GLU B 295 -10.56 32.05 18.78
N GLY B 296 -9.71 31.38 18.01
CA GLY B 296 -9.15 31.93 16.77
C GLY B 296 -10.20 32.29 15.71
N PHE B 297 -11.20 31.42 15.53
CA PHE B 297 -12.28 31.72 14.59
C PHE B 297 -13.19 32.83 15.08
N GLU B 298 -13.54 32.80 16.36
CA GLU B 298 -14.40 33.81 16.95
C GLU B 298 -13.79 35.21 16.87
N ALA B 299 -12.46 35.26 16.95
CA ALA B 299 -11.72 36.51 16.81
C ALA B 299 -11.80 37.05 15.37
N LEU B 300 -11.75 36.15 14.40
CA LEU B 300 -11.87 36.54 12.99
C LEU B 300 -13.28 36.99 12.64
N LEU B 301 -14.26 36.46 13.37
CA LEU B 301 -15.66 36.78 13.13
C LEU B 301 -16.06 38.15 13.69
N LYS B 302 -15.40 38.58 14.77
CA LYS B 302 -15.67 39.89 15.38
C LYS B 302 -14.94 41.02 14.68
#